data_5XNI
#
_entry.id   5XNI
#
_cell.length_a   129.304
_cell.length_b   129.304
_cell.length_c   43.811
_cell.angle_alpha   90.00
_cell.angle_beta   90.00
_cell.angle_gamma   120.00
#
_symmetry.space_group_name_H-M   'P 32 2 1'
#
loop_
_entity.id
_entity.type
_entity.pdbx_description
1 polymer McyF
2 non-polymer 'D-GLUTAMIC ACID'
3 water water
#
_entity_poly.entity_id   1
_entity_poly.type   'polypeptide(L)'
_entity_poly.pdbx_seq_one_letter_code
;MGHHHHHHMMKTKLPILGVLGGMGPVVTAEFLKSIYEYNPFIDKEQESPNVIVFSFPSAPDRTGSIDSGKEREFIDFIQV
NLEHLNKLADCIVIGSCTAHYALPQIPENLKDKLISLIKIADQELQEYNEPTLLLASTGTYQKKLFQEGCTTADLIISLS
ESDQKLIHEMIYKVLKRGHDPLSILRDIEALLEKYNTRSYISGSTEFHLLTKSLKLKGIDSIKAIDPLSTIAQNFSQLII
KQAQVDLVTDCHQPSNPKSP
;
_entity_poly.pdbx_strand_id   A
#
# COMPACT_ATOMS: atom_id res chain seq x y z
N LEU A 14 -12.16 22.97 2.98
CA LEU A 14 -10.82 22.33 2.79
C LEU A 14 -10.90 20.83 2.40
N PRO A 15 -9.87 20.34 1.68
CA PRO A 15 -9.89 18.95 1.21
C PRO A 15 -9.55 17.94 2.32
N ILE A 16 -10.32 16.84 2.38
CA ILE A 16 -10.17 15.81 3.43
C ILE A 16 -9.87 14.45 2.81
N LEU A 17 -8.71 13.88 3.14
CA LEU A 17 -8.42 12.48 2.82
C LEU A 17 -9.02 11.57 3.88
N GLY A 18 -9.71 10.51 3.45
CA GLY A 18 -10.19 9.46 4.33
C GLY A 18 -9.40 8.17 4.14
N VAL A 19 -8.72 7.70 5.19
CA VAL A 19 -7.97 6.45 5.12
C VAL A 19 -8.72 5.32 5.83
N LEU A 20 -9.15 4.32 5.07
CA LEU A 20 -9.63 3.06 5.64
C LEU A 20 -8.41 2.19 5.87
N GLY A 21 -7.88 2.24 7.09
CA GLY A 21 -6.65 1.57 7.48
C GLY A 21 -6.86 0.48 8.50
N GLY A 22 -5.84 0.23 9.31
CA GLY A 22 -5.85 -0.86 10.27
C GLY A 22 -5.50 -2.23 9.69
N MET A 23 -5.34 -2.31 8.36
CA MET A 23 -4.97 -3.55 7.69
C MET A 23 -3.47 -3.43 7.52
N GLY A 24 -2.94 -3.23 8.70
CA GLY A 24 -1.56 -3.00 9.02
C GLY A 24 -1.64 -1.84 9.98
N PRO A 25 -2.13 -2.05 11.20
CA PRO A 25 -2.18 -0.90 12.13
C PRO A 25 -0.85 -0.16 12.22
N VAL A 26 0.26 -0.91 12.23
CA VAL A 26 1.59 -0.32 12.32
C VAL A 26 1.81 0.62 11.16
N VAL A 27 1.52 0.12 9.94
CA VAL A 27 1.76 0.91 8.72
C VAL A 27 0.76 2.05 8.55
N THR A 28 -0.47 1.85 9.02
CA THR A 28 -1.45 2.94 9.04
C THR A 28 -0.96 4.11 9.90
N ALA A 29 -0.41 3.81 11.07
CA ALA A 29 0.17 4.84 11.92
C ALA A 29 1.32 5.54 11.21
N GLU A 30 2.19 4.75 10.58
CA GLU A 30 3.35 5.29 9.88
C GLU A 30 2.95 6.11 8.66
N PHE A 31 1.89 5.70 7.97
CA PHE A 31 1.38 6.44 6.81
C PHE A 31 0.96 7.87 7.16
N LEU A 32 0.27 8.03 8.28
CA LEU A 32 -0.15 9.34 8.76
C LEU A 32 1.04 10.20 9.19
N LYS A 33 2.06 9.57 9.77
CA LYS A 33 3.32 10.26 10.07
C LYS A 33 3.92 10.83 8.79
N SER A 34 3.98 10.00 7.74
CA SER A 34 4.48 10.41 6.42
C SER A 34 3.78 11.62 5.85
N ILE A 35 2.46 11.64 5.97
CA ILE A 35 1.64 12.74 5.44
C ILE A 35 2.13 14.09 5.95
N TYR A 36 2.52 14.16 7.23
CA TYR A 36 3.00 15.42 7.80
C TYR A 36 4.50 15.61 7.66
N GLU A 37 5.25 14.51 7.60
CA GLU A 37 6.69 14.60 7.27
C GLU A 37 6.92 15.26 5.92
N TYR A 38 6.10 14.87 4.94
CA TYR A 38 6.24 15.32 3.55
C TYR A 38 5.40 16.56 3.21
N ASN A 39 4.58 17.03 4.14
CA ASN A 39 3.86 18.31 3.96
C ASN A 39 4.04 19.21 5.18
N PRO A 40 5.30 19.56 5.50
CA PRO A 40 5.53 20.45 6.62
C PRO A 40 4.97 21.84 6.32
N PHE A 41 4.33 22.46 7.31
CA PHE A 41 3.83 23.81 7.18
C PHE A 41 4.98 24.83 7.14
N ILE A 42 4.68 25.99 6.55
CA ILE A 42 5.67 27.06 6.42
C ILE A 42 5.58 28.00 7.62
N ASP A 43 4.40 28.55 7.88
CA ASP A 43 4.16 29.48 8.99
C ASP A 43 3.35 28.82 10.10
N LYS A 44 2.14 28.37 9.76
CA LYS A 44 1.15 27.87 10.72
C LYS A 44 0.71 26.43 10.42
N GLU A 45 0.47 25.66 11.47
CA GLU A 45 -0.10 24.30 11.38
C GLU A 45 -1.39 24.19 10.58
N GLN A 46 -2.21 25.25 10.59
CA GLN A 46 -3.51 25.24 9.92
C GLN A 46 -3.39 24.97 8.40
N GLU A 47 -2.23 25.32 7.84
CA GLU A 47 -1.83 24.93 6.47
C GLU A 47 -1.89 23.42 6.22
N SER A 48 -1.44 22.63 7.20
CA SER A 48 -1.22 21.17 7.03
C SER A 48 -2.47 20.35 6.69
N PRO A 49 -2.29 19.18 6.03
CA PRO A 49 -3.37 18.29 5.55
C PRO A 49 -4.40 17.89 6.59
N ASN A 50 -5.68 18.00 6.25
CA ASN A 50 -6.76 17.42 7.06
C ASN A 50 -7.01 15.97 6.64
N VAL A 51 -6.93 15.05 7.61
CA VAL A 51 -7.04 13.61 7.36
C VAL A 51 -7.98 12.94 8.38
N ILE A 52 -8.71 11.93 7.93
CA ILE A 52 -9.49 11.04 8.80
C ILE A 52 -8.94 9.62 8.65
N VAL A 53 -8.74 8.92 9.77
CA VAL A 53 -8.21 7.56 9.75
C VAL A 53 -9.13 6.61 10.52
N PHE A 54 -9.64 5.60 9.82
CA PHE A 54 -10.31 4.45 10.44
C PHE A 54 -9.26 3.34 10.53
N SER A 55 -8.57 3.26 11.66
CA SER A 55 -7.57 2.22 11.90
C SER A 55 -8.23 1.08 12.67
N PHE A 56 -8.86 0.18 11.92
CA PHE A 56 -9.57 -0.98 12.47
C PHE A 56 -8.84 -2.29 12.16
N PRO A 57 -7.93 -2.74 13.05
CA PRO A 57 -7.25 -4.04 12.88
C PRO A 57 -8.18 -5.25 12.84
N SER A 58 -9.32 -5.13 13.50
CA SER A 58 -10.34 -6.18 13.53
C SER A 58 -11.05 -6.44 12.18
N ALA A 59 -10.56 -5.85 11.09
CA ALA A 59 -10.88 -6.32 9.73
C ALA A 59 -10.41 -7.76 9.58
N PRO A 60 -11.25 -8.66 9.01
CA PRO A 60 -10.82 -10.06 8.86
C PRO A 60 -9.55 -10.18 8.01
N ASP A 61 -8.62 -11.05 8.40
CA ASP A 61 -7.34 -11.17 7.69
C ASP A 61 -7.60 -11.33 6.20
N ARG A 62 -6.89 -10.54 5.40
CA ARG A 62 -7.23 -10.33 4.00
C ARG A 62 -6.91 -11.58 3.17
N THR A 63 -5.68 -12.07 3.30
CA THR A 63 -5.24 -13.32 2.66
C THR A 63 -5.98 -14.53 3.25
N GLY A 64 -6.14 -14.55 4.58
CA GLY A 64 -6.87 -15.62 5.28
C GLY A 64 -8.33 -15.74 4.90
N SER A 65 -8.98 -14.60 4.60
CA SER A 65 -10.37 -14.58 4.13
C SER A 65 -10.53 -15.16 2.71
N ILE A 66 -9.47 -15.07 1.90
CA ILE A 66 -9.39 -15.74 0.60
C ILE A 66 -9.15 -17.26 0.79
N ASP A 67 -8.24 -17.62 1.69
CA ASP A 67 -7.85 -19.03 1.92
C ASP A 67 -8.97 -19.89 2.55
N SER A 68 -9.77 -19.29 3.44
CA SER A 68 -11.04 -19.90 3.88
C SER A 68 -12.16 -19.43 2.94
N GLY A 69 -13.39 -19.85 3.20
CA GLY A 69 -14.53 -19.50 2.34
C GLY A 69 -14.99 -18.05 2.45
N LYS A 70 -14.69 -17.40 3.58
CA LYS A 70 -15.40 -16.18 4.00
C LYS A 70 -14.89 -14.86 3.38
N GLU A 71 -15.02 -14.76 2.06
CA GLU A 71 -14.73 -13.51 1.35
C GLU A 71 -15.88 -12.50 1.49
N ARG A 72 -17.10 -12.99 1.65
CA ARG A 72 -18.29 -12.12 1.82
C ARG A 72 -18.26 -11.31 3.12
N GLU A 73 -17.84 -11.97 4.22
CA GLU A 73 -17.63 -11.28 5.49
C GLU A 73 -16.70 -10.07 5.31
N PHE A 74 -15.60 -10.27 4.57
CA PHE A 74 -14.63 -9.19 4.32
C PHE A 74 -15.14 -8.10 3.38
N ILE A 75 -15.80 -8.47 2.29
CA ILE A 75 -16.31 -7.46 1.35
C ILE A 75 -17.34 -6.58 2.07
N ASP A 76 -18.19 -7.20 2.89
CA ASP A 76 -19.16 -6.48 3.73
C ASP A 76 -18.48 -5.46 4.64
N PHE A 77 -17.35 -5.85 5.24
CA PHE A 77 -16.54 -4.93 6.08
C PHE A 77 -16.14 -3.66 5.32
N ILE A 78 -15.50 -3.86 4.17
CA ILE A 78 -15.00 -2.78 3.32
C ILE A 78 -16.16 -1.88 2.85
N GLN A 79 -17.27 -2.50 2.43
CA GLN A 79 -18.43 -1.76 1.94
C GLN A 79 -19.06 -0.83 2.98
N VAL A 80 -19.26 -1.36 4.20
CA VAL A 80 -19.88 -0.58 5.29
C VAL A 80 -19.03 0.65 5.58
N ASN A 81 -17.73 0.45 5.74
CA ASN A 81 -16.81 1.52 6.08
C ASN A 81 -16.58 2.54 4.96
N LEU A 82 -16.74 2.11 3.71
CA LEU A 82 -16.72 3.05 2.58
C LEU A 82 -17.93 3.99 2.58
N GLU A 83 -19.11 3.47 2.96
CA GLU A 83 -20.32 4.29 3.06
C GLU A 83 -20.12 5.39 4.10
N HIS A 84 -19.58 5.03 5.27
CA HIS A 84 -19.20 6.01 6.29
C HIS A 84 -18.26 7.08 5.74
N LEU A 85 -17.15 6.65 5.15
CA LEU A 85 -16.09 7.56 4.71
C LEU A 85 -16.51 8.47 3.55
N ASN A 86 -17.37 7.97 2.65
CA ASN A 86 -17.94 8.80 1.56
C ASN A 86 -18.67 10.04 2.07
N LYS A 87 -19.35 9.91 3.21
CA LYS A 87 -20.04 11.04 3.83
C LYS A 87 -19.05 12.04 4.45
N LEU A 88 -17.87 11.57 4.86
CA LEU A 88 -16.91 12.38 5.63
C LEU A 88 -15.71 12.92 4.85
N ALA A 89 -15.25 12.22 3.81
CA ALA A 89 -14.01 12.58 3.11
C ALA A 89 -14.22 12.86 1.63
N ASP A 90 -13.34 13.68 1.06
CA ASP A 90 -13.43 14.10 -0.33
C ASP A 90 -12.72 13.08 -1.24
N CYS A 91 -11.55 12.61 -0.81
CA CYS A 91 -10.84 11.48 -1.42
C CYS A 91 -10.65 10.37 -0.38
N ILE A 92 -10.52 9.13 -0.85
CA ILE A 92 -10.41 7.96 0.02
C ILE A 92 -9.28 7.02 -0.40
N VAL A 93 -8.57 6.46 0.58
CA VAL A 93 -7.51 5.48 0.36
C VAL A 93 -7.74 4.27 1.27
N ILE A 94 -7.57 3.07 0.72
CA ILE A 94 -7.58 1.83 1.49
C ILE A 94 -6.13 1.45 1.76
N GLY A 95 -5.78 1.21 3.03
CA GLY A 95 -4.39 1.01 3.44
C GLY A 95 -3.81 -0.38 3.23
N SER A 96 -4.35 -1.11 2.26
CA SER A 96 -3.95 -2.49 2.00
C SER A 96 -4.14 -2.80 0.50
N CYS A 97 -3.06 -3.24 -0.15
CA CYS A 97 -3.14 -3.69 -1.53
C CYS A 97 -4.04 -4.92 -1.67
N THR A 98 -3.80 -5.99 -0.90
CA THR A 98 -4.66 -7.18 -0.98
C THR A 98 -6.15 -6.88 -0.77
N ALA A 99 -6.45 -5.89 0.07
CA ALA A 99 -7.83 -5.48 0.32
C ALA A 99 -8.56 -4.92 -0.90
N HIS A 100 -7.82 -4.43 -1.89
CA HIS A 100 -8.42 -3.93 -3.13
C HIS A 100 -9.21 -4.97 -3.92
N TYR A 101 -8.97 -6.27 -3.69
CA TYR A 101 -9.71 -7.34 -4.37
C TYR A 101 -11.22 -7.28 -4.16
N ALA A 102 -11.66 -6.71 -3.03
CA ALA A 102 -13.09 -6.56 -2.75
C ALA A 102 -13.81 -5.57 -3.67
N LEU A 103 -13.06 -4.73 -4.38
CA LEU A 103 -13.64 -3.62 -5.16
C LEU A 103 -14.60 -3.96 -6.32
N PRO A 104 -14.39 -5.08 -7.04
CA PRO A 104 -15.37 -5.45 -8.08
C PRO A 104 -16.76 -5.77 -7.53
N GLN A 105 -16.84 -6.19 -6.26
CA GLN A 105 -18.10 -6.46 -5.59
C GLN A 105 -18.73 -5.25 -4.85
N ILE A 106 -18.14 -4.07 -4.95
CA ILE A 106 -18.69 -2.84 -4.35
C ILE A 106 -19.40 -2.04 -5.45
N PRO A 107 -20.51 -1.36 -5.11
CA PRO A 107 -21.15 -0.41 -6.03
C PRO A 107 -20.21 0.67 -6.57
N GLU A 108 -20.27 0.92 -7.88
CA GLU A 108 -19.44 1.92 -8.58
C GLU A 108 -19.48 3.32 -7.96
N ASN A 109 -20.67 3.72 -7.50
CA ASN A 109 -20.89 5.01 -6.82
C ASN A 109 -20.07 5.19 -5.53
N LEU A 110 -19.92 4.12 -4.75
CA LEU A 110 -19.11 4.16 -3.51
C LEU A 110 -17.59 4.23 -3.76
N LYS A 111 -17.15 4.16 -5.02
CA LYS A 111 -15.74 4.17 -5.40
C LYS A 111 -15.32 5.40 -6.22
N ASP A 112 -16.18 6.42 -6.30
CA ASP A 112 -15.83 7.65 -7.04
C ASP A 112 -14.67 8.40 -6.38
N LYS A 113 -14.70 8.47 -5.05
CA LYS A 113 -13.68 9.16 -4.27
C LYS A 113 -12.39 8.34 -4.07
N LEU A 114 -12.47 7.03 -4.33
CA LEU A 114 -11.35 6.11 -4.08
C LEU A 114 -10.12 6.39 -4.94
N ILE A 115 -8.95 6.08 -4.38
CA ILE A 115 -7.66 6.23 -5.06
C ILE A 115 -6.95 4.87 -4.96
N SER A 116 -6.96 4.12 -6.06
CA SER A 116 -6.39 2.76 -6.08
C SER A 116 -4.88 2.83 -5.93
N LEU A 117 -4.37 2.14 -4.91
CA LEU A 117 -2.95 1.93 -4.72
C LEU A 117 -2.28 1.21 -5.89
N ILE A 118 -3.04 0.35 -6.57
CA ILE A 118 -2.57 -0.31 -7.78
C ILE A 118 -2.36 0.72 -8.89
N LYS A 119 -3.34 1.60 -9.10
CA LYS A 119 -3.22 2.66 -10.10
C LYS A 119 -2.06 3.60 -9.83
N ILE A 120 -1.87 3.97 -8.57
CA ILE A 120 -0.76 4.86 -8.19
C ILE A 120 0.60 4.19 -8.49
N ALA A 121 0.70 2.88 -8.26
CA ALA A 121 1.92 2.11 -8.58
C ALA A 121 2.16 2.01 -10.08
N ASP A 122 1.07 1.76 -10.81
CA ASP A 122 1.10 1.65 -12.26
C ASP A 122 1.63 2.93 -12.93
N GLN A 123 1.14 4.09 -12.47
CA GLN A 123 1.62 5.39 -12.97
C GLN A 123 3.09 5.62 -12.71
N GLU A 124 3.50 5.37 -11.45
CA GLU A 124 4.90 5.51 -11.05
C GLU A 124 5.81 4.62 -11.89
N LEU A 125 5.38 3.37 -12.09
CA LEU A 125 6.15 2.41 -12.87
C LEU A 125 6.25 2.81 -14.35
N GLN A 126 5.17 3.39 -14.90
CA GLN A 126 5.20 3.88 -16.29
C GLN A 126 6.28 4.93 -16.50
N GLU A 127 6.38 5.86 -15.56
CA GLU A 127 7.42 6.89 -15.61
C GLU A 127 8.82 6.33 -15.35
N TYR A 128 8.94 5.38 -14.42
CA TYR A 128 10.24 4.78 -14.09
C TYR A 128 10.78 4.00 -15.27
N ASN A 129 9.94 3.11 -15.79
CA ASN A 129 10.18 2.42 -17.06
C ASN A 129 11.41 1.49 -17.08
N GLU A 130 11.63 0.78 -15.99
CA GLU A 130 12.56 -0.36 -15.97
C GLU A 130 11.87 -1.52 -15.27
N PRO A 131 12.37 -2.75 -15.46
CA PRO A 131 11.77 -3.88 -14.75
C PRO A 131 11.89 -3.76 -13.22
N THR A 132 10.83 -4.18 -12.53
CA THR A 132 10.68 -3.95 -11.09
C THR A 132 10.03 -5.16 -10.39
N LEU A 133 10.59 -5.55 -9.24
CA LEU A 133 10.18 -6.75 -8.51
C LEU A 133 8.99 -6.49 -7.61
N LEU A 134 7.88 -7.17 -7.89
CA LEU A 134 6.67 -7.05 -7.08
C LEU A 134 6.80 -7.83 -5.78
N LEU A 135 6.93 -7.12 -4.66
CA LEU A 135 6.89 -7.71 -3.32
C LEU A 135 5.46 -7.58 -2.82
N ALA A 136 4.84 -8.72 -2.49
CA ALA A 136 3.45 -8.73 -2.02
C ALA A 136 3.11 -10.03 -1.33
N SER A 137 1.99 -10.02 -0.62
CA SER A 137 1.45 -11.21 0.01
C SER A 137 0.95 -12.20 -1.03
N THR A 138 1.17 -13.49 -0.81
CA THR A 138 0.56 -14.58 -1.61
C THR A 138 -0.90 -14.35 -2.02
N GLY A 139 -1.70 -13.78 -1.12
CA GLY A 139 -3.09 -13.41 -1.40
C GLY A 139 -3.27 -12.32 -2.44
N THR A 140 -2.36 -11.34 -2.46
CA THR A 140 -2.29 -10.35 -3.55
C THR A 140 -1.94 -11.05 -4.86
N TYR A 141 -0.92 -11.91 -4.80
CA TYR A 141 -0.47 -12.70 -5.95
C TYR A 141 -1.55 -13.61 -6.51
N GLN A 142 -2.18 -14.39 -5.64
CA GLN A 142 -3.34 -15.22 -5.99
C GLN A 142 -4.40 -14.45 -6.77
N LYS A 143 -4.73 -13.25 -6.28
CA LYS A 143 -5.74 -12.40 -6.91
C LYS A 143 -5.24 -11.63 -8.13
N LYS A 144 -3.93 -11.62 -8.35
CA LYS A 144 -3.31 -11.05 -9.56
C LYS A 144 -3.67 -9.58 -9.75
N LEU A 145 -3.75 -8.85 -8.64
CA LEU A 145 -4.25 -7.49 -8.63
C LEU A 145 -3.38 -6.57 -9.48
N PHE A 146 -2.08 -6.80 -9.43
CA PHE A 146 -1.12 -6.00 -10.18
C PHE A 146 -0.99 -6.43 -11.64
N GLN A 147 -0.97 -7.73 -11.90
CA GLN A 147 -0.85 -8.22 -13.27
C GLN A 147 -2.13 -7.91 -14.04
N GLU A 148 -3.29 -8.00 -13.38
CA GLU A 148 -4.59 -7.68 -14.02
C GLU A 148 -4.91 -6.18 -14.03
N GLY A 149 -4.34 -5.43 -13.08
CA GLY A 149 -4.66 -4.02 -12.90
C GLY A 149 -3.77 -3.01 -13.61
N CYS A 150 -2.53 -3.38 -13.95
CA CYS A 150 -1.54 -2.41 -14.46
C CYS A 150 -1.37 -2.39 -15.99
N THR A 151 -1.41 -1.19 -16.55
CA THR A 151 -0.95 -0.95 -17.94
C THR A 151 0.50 -1.36 -18.15
N THR A 152 1.33 -1.25 -17.11
CA THR A 152 2.74 -1.59 -17.18
C THR A 152 3.05 -3.02 -16.69
N ALA A 153 2.10 -3.93 -16.84
CA ALA A 153 2.19 -5.26 -16.24
C ALA A 153 3.39 -6.11 -16.69
N ASP A 154 3.89 -5.86 -17.90
CA ASP A 154 5.07 -6.59 -18.40
C ASP A 154 6.39 -6.14 -17.75
N LEU A 155 6.43 -4.89 -17.27
CA LEU A 155 7.59 -4.39 -16.49
C LEU A 155 7.63 -4.94 -15.06
N ILE A 156 6.53 -5.52 -14.59
CA ILE A 156 6.49 -6.18 -13.29
C ILE A 156 7.17 -7.53 -13.42
N ILE A 157 8.04 -7.84 -12.46
CA ILE A 157 8.67 -9.15 -12.33
C ILE A 157 7.99 -9.86 -11.17
N SER A 158 7.29 -10.95 -11.45
CA SER A 158 6.67 -11.77 -10.41
C SER A 158 7.71 -12.61 -9.67
N LEU A 159 7.58 -12.70 -8.36
CA LEU A 159 8.34 -13.64 -7.54
C LEU A 159 7.87 -15.06 -7.84
N SER A 160 8.76 -16.03 -7.65
CA SER A 160 8.40 -17.44 -7.68
C SER A 160 7.60 -17.76 -6.42
N GLU A 161 6.79 -18.80 -6.48
CA GLU A 161 5.97 -19.20 -5.32
C GLU A 161 6.77 -19.38 -4.03
N SER A 162 8.00 -19.90 -4.14
CA SER A 162 8.91 -20.04 -3.00
C SER A 162 9.17 -18.71 -2.32
N ASP A 163 9.50 -17.71 -3.13
CA ASP A 163 9.82 -16.37 -2.63
C ASP A 163 8.59 -15.56 -2.20
N GLN A 164 7.43 -15.86 -2.76
CA GLN A 164 6.17 -15.26 -2.30
C GLN A 164 5.88 -15.60 -0.85
N LYS A 165 6.18 -16.84 -0.45
CA LYS A 165 6.04 -17.28 0.94
C LYS A 165 7.10 -16.63 1.82
N LEU A 166 8.33 -16.52 1.32
CA LEU A 166 9.39 -15.81 2.05
C LEU A 166 9.06 -14.35 2.30
N ILE A 167 8.37 -13.71 1.35
CA ILE A 167 7.87 -12.34 1.50
C ILE A 167 6.70 -12.29 2.48
N HIS A 168 5.77 -13.24 2.36
CA HIS A 168 4.64 -13.35 3.30
C HIS A 168 5.13 -13.50 4.74
N GLU A 169 6.21 -14.27 4.92
CA GLU A 169 6.89 -14.39 6.21
C GLU A 169 7.33 -13.02 6.72
N MET A 170 8.12 -12.32 5.92
CA MET A 170 8.64 -10.99 6.30
C MET A 170 7.55 -10.02 6.72
N ILE A 171 6.47 -9.98 5.95
CA ILE A 171 5.38 -9.04 6.20
C ILE A 171 4.76 -9.33 7.58
N TYR A 172 4.33 -10.56 7.79
CA TYR A 172 3.62 -10.94 9.01
C TYR A 172 4.51 -11.09 10.23
N LYS A 173 5.67 -11.74 10.07
CA LYS A 173 6.58 -11.98 11.20
C LYS A 173 7.34 -10.73 11.64
N VAL A 174 7.73 -9.86 10.70
CA VAL A 174 8.61 -8.72 11.01
C VAL A 174 7.91 -7.36 10.93
N LEU A 175 7.38 -7.03 9.76
CA LEU A 175 6.89 -5.68 9.48
C LEU A 175 5.63 -5.33 10.27
N LYS A 176 4.62 -6.20 10.22
CA LYS A 176 3.35 -6.01 10.95
C LYS A 176 3.50 -6.02 12.47
N ARG A 177 4.52 -6.73 12.96
CA ARG A 177 4.82 -6.79 14.38
C ARG A 177 5.52 -5.54 14.89
N GLY A 178 6.07 -4.73 13.99
CA GLY A 178 6.68 -3.45 14.34
C GLY A 178 8.18 -3.52 14.48
N HIS A 179 8.79 -4.64 14.12
CA HIS A 179 10.24 -4.78 14.22
C HIS A 179 10.93 -3.94 13.18
N ASP A 180 12.21 -3.65 13.43
CA ASP A 180 13.00 -2.74 12.60
C ASP A 180 12.99 -3.20 11.14
N PRO A 181 12.31 -2.43 10.24
CA PRO A 181 12.28 -2.80 8.81
C PRO A 181 13.66 -3.04 8.18
N LEU A 182 14.68 -2.33 8.66
CA LEU A 182 16.06 -2.56 8.22
C LEU A 182 16.55 -4.00 8.43
N SER A 183 15.98 -4.70 9.41
CA SER A 183 16.34 -6.11 9.70
C SER A 183 16.18 -7.06 8.52
N ILE A 184 15.24 -6.77 7.60
CA ILE A 184 15.07 -7.56 6.38
C ILE A 184 15.78 -6.99 5.14
N LEU A 185 16.51 -5.89 5.27
CA LEU A 185 17.16 -5.22 4.13
C LEU A 185 18.10 -6.14 3.37
N ARG A 186 18.88 -6.93 4.09
CA ARG A 186 19.82 -7.88 3.48
C ARG A 186 19.10 -8.94 2.63
N ASP A 187 18.02 -9.50 3.17
CA ASP A 187 17.18 -10.47 2.45
C ASP A 187 16.53 -9.90 1.19
N ILE A 188 16.22 -8.61 1.21
CA ILE A 188 15.63 -7.92 0.04
C ILE A 188 16.69 -7.64 -1.02
N GLU A 189 17.85 -7.12 -0.62
CA GLU A 189 18.98 -6.92 -1.54
C GLU A 189 19.34 -8.20 -2.30
N ALA A 190 19.29 -9.33 -1.59
CA ALA A 190 19.50 -10.66 -2.18
C ALA A 190 18.45 -11.00 -3.24
N LEU A 191 17.17 -10.75 -2.91
CA LEU A 191 16.07 -10.94 -3.87
C LEU A 191 16.22 -10.05 -5.11
N LEU A 192 16.47 -8.77 -4.88
CA LEU A 192 16.71 -7.81 -5.98
C LEU A 192 17.85 -8.25 -6.90
N GLU A 193 18.88 -8.84 -6.31
CA GLU A 193 20.01 -9.39 -7.08
C GLU A 193 19.56 -10.63 -7.87
N LYS A 194 18.94 -11.59 -7.19
CA LYS A 194 18.42 -12.82 -7.81
C LYS A 194 17.58 -12.54 -9.07
N TYR A 195 16.54 -11.71 -8.91
CA TYR A 195 15.62 -11.37 -10.01
C TYR A 195 16.15 -10.25 -10.90
N ASN A 196 17.31 -9.70 -10.55
CA ASN A 196 18.15 -8.86 -11.43
C ASN A 196 17.48 -7.52 -11.71
N THR A 197 17.36 -6.72 -10.66
CA THR A 197 16.73 -5.41 -10.75
C THR A 197 17.15 -4.54 -9.57
N ARG A 198 17.05 -3.23 -9.75
CA ARG A 198 17.39 -2.26 -8.71
C ARG A 198 16.14 -1.67 -8.06
N SER A 199 14.97 -2.22 -8.34
CA SER A 199 13.72 -1.64 -7.88
C SER A 199 12.70 -2.67 -7.39
N TYR A 200 11.78 -2.21 -6.57
CA TYR A 200 10.68 -3.02 -6.08
C TYR A 200 9.38 -2.22 -6.02
N ILE A 201 8.25 -2.94 -6.07
CA ILE A 201 6.93 -2.35 -5.82
C ILE A 201 6.46 -2.78 -4.44
N SER A 202 5.97 -1.82 -3.65
CA SER A 202 5.32 -2.12 -2.38
C SER A 202 3.92 -2.69 -2.66
N GLY A 203 3.88 -3.96 -3.10
CA GLY A 203 2.63 -4.66 -3.35
C GLY A 203 1.96 -5.14 -2.07
N SER A 204 2.59 -4.76 -0.97
CA SER A 204 2.12 -4.99 0.38
C SER A 204 2.43 -3.70 1.13
N THR A 205 1.40 -2.94 1.42
CA THR A 205 1.58 -1.61 2.04
C THR A 205 2.63 -1.61 3.13
N GLU A 206 2.74 -2.71 3.88
CA GLU A 206 3.80 -2.88 4.88
C GLU A 206 5.21 -2.50 4.41
N PHE A 207 5.50 -2.60 3.11
CA PHE A 207 6.79 -2.14 2.56
C PHE A 207 6.97 -0.62 2.48
N HIS A 208 5.91 0.13 2.78
CA HIS A 208 6.03 1.53 3.16
C HIS A 208 7.01 1.69 4.32
N LEU A 209 6.98 0.76 5.27
CA LEU A 209 7.87 0.79 6.44
C LEU A 209 9.33 0.60 6.04
N LEU A 210 9.58 -0.21 5.02
CA LEU A 210 10.93 -0.40 4.50
C LEU A 210 11.40 0.82 3.71
N THR A 211 10.52 1.37 2.88
CA THR A 211 10.84 2.54 2.06
C THR A 211 11.29 3.73 2.92
N LYS A 212 10.61 3.93 4.04
CA LYS A 212 10.93 5.02 4.97
C LYS A 212 12.27 4.77 5.63
N SER A 213 12.47 3.57 6.14
CA SER A 213 13.75 3.17 6.74
C SER A 213 14.92 3.28 5.75
N LEU A 214 14.67 2.94 4.49
CA LEU A 214 15.68 3.09 3.41
C LEU A 214 16.05 4.55 3.14
N LYS A 215 15.01 5.40 3.04
CA LYS A 215 15.20 6.83 2.77
C LYS A 215 15.92 7.52 3.92
N LEU A 216 15.61 7.10 5.14
CA LEU A 216 16.30 7.60 6.36
C LEU A 216 17.81 7.43 6.31
N LYS A 217 18.28 6.23 5.97
CA LYS A 217 19.71 5.96 5.88
C LYS A 217 20.36 6.39 4.55
N GLY A 218 19.62 7.11 3.70
CA GLY A 218 20.15 7.58 2.42
C GLY A 218 20.63 6.46 1.50
N ILE A 219 19.90 5.34 1.50
CA ILE A 219 20.26 4.20 0.65
C ILE A 219 19.59 4.44 -0.71
N ASP A 220 20.40 4.83 -1.69
CA ASP A 220 19.93 5.23 -3.03
C ASP A 220 19.94 4.12 -4.07
N SER A 221 20.66 3.04 -3.79
CA SER A 221 20.78 1.91 -4.72
C SER A 221 19.42 1.32 -5.14
N ILE A 222 18.46 1.32 -4.23
CA ILE A 222 17.12 0.78 -4.48
C ILE A 222 16.13 1.89 -4.83
N LYS A 223 15.40 1.70 -5.94
CA LYS A 223 14.28 2.57 -6.32
C LYS A 223 12.97 1.92 -5.88
N ALA A 224 12.32 2.50 -4.86
CA ALA A 224 11.07 1.97 -4.35
C ALA A 224 9.87 2.63 -5.04
N ILE A 225 9.02 1.81 -5.65
CA ILE A 225 7.70 2.27 -6.10
C ILE A 225 6.72 2.00 -4.95
N ASP A 226 6.47 3.02 -4.16
CA ASP A 226 5.71 2.90 -2.91
C ASP A 226 4.51 3.86 -2.95
N PRO A 227 3.30 3.34 -3.23
CA PRO A 227 2.10 4.16 -3.35
C PRO A 227 1.80 5.08 -2.16
N LEU A 228 2.01 4.61 -0.95
CA LEU A 228 1.73 5.43 0.23
C LEU A 228 2.67 6.64 0.29
N SER A 229 3.96 6.41 0.02
CA SER A 229 4.93 7.51 -0.09
C SER A 229 4.54 8.53 -1.15
N THR A 230 4.04 8.06 -2.29
CA THR A 230 3.61 8.94 -3.38
C THR A 230 2.37 9.76 -3.00
N ILE A 231 1.38 9.11 -2.38
CA ILE A 231 0.15 9.76 -1.93
C ILE A 231 0.47 10.83 -0.86
N ALA A 232 1.36 10.50 0.05
CA ALA A 232 1.82 11.43 1.07
C ALA A 232 2.47 12.66 0.42
N GLN A 233 3.48 12.42 -0.41
CA GLN A 233 4.27 13.50 -1.01
C GLN A 233 3.46 14.41 -1.93
N ASN A 234 2.51 13.82 -2.66
CA ASN A 234 1.69 14.56 -3.61
C ASN A 234 0.26 14.76 -3.10
N PHE A 235 0.13 15.02 -1.81
CA PHE A 235 -1.18 15.20 -1.16
C PHE A 235 -1.91 16.40 -1.76
N SER A 236 -1.23 17.55 -1.77
CA SER A 236 -1.82 18.81 -2.25
C SER A 236 -2.41 18.70 -3.66
N GLN A 237 -1.71 18.00 -4.55
CA GLN A 237 -2.20 17.79 -5.92
C GLN A 237 -3.34 16.77 -5.99
N LEU A 238 -3.20 15.64 -5.31
CA LEU A 238 -4.15 14.51 -5.43
C LEU A 238 -5.51 14.69 -4.76
N ILE A 239 -5.59 15.52 -3.72
CA ILE A 239 -6.81 15.63 -2.90
C ILE A 239 -7.62 16.90 -3.25
N ILE A 240 -8.84 16.70 -3.76
CA ILE A 240 -9.74 17.79 -4.20
C ILE A 240 -11.14 17.55 -3.59
N DGL B . -1.19 -5.14 3.80
CA DGL B . -1.85 -5.63 2.63
C DGL B . -1.08 -5.07 1.51
O DGL B . -1.54 -4.07 0.96
CB DGL B . -1.73 -7.13 2.61
CG DGL B . -1.98 -7.71 3.99
CD DGL B . -3.08 -6.91 4.63
OE1 DGL B . -4.20 -6.91 4.10
OE2 DGL B . -2.81 -6.27 5.66
OXT DGL B . -0.03 -5.61 1.17
#